data_6PSE
#
_entry.id   6PSE
#
_cell.length_a   54.773
_cell.length_b   61.844
_cell.length_c   81.681
_cell.angle_alpha   90.000
_cell.angle_beta   90.000
_cell.angle_gamma   90.000
#
_symmetry.space_group_name_H-M   'P 21 21 21'
#
loop_
_entity.id
_entity.type
_entity.pdbx_description
1 polymer 'Protein bicaudal D homolog 2'
2 polymer 'Cytoplasmic dynein 1 light intermediate chain 1'
3 water water
#
loop_
_entity_poly.entity_id
_entity_poly.type
_entity_poly.pdbx_seq_one_letter_code
_entity_poly.pdbx_strand_id
1 'polypeptide(L)'
;GG(MSE)SAPSEEEEYARLV(MSE)EAQPEWLRAEVKRLSHELAETTREKIQAAEYGLAVLEEKHQLKLQFEELEVDYEA
IRSE(MSE)EQLKEAFGQAHTNHKKVAADGES
;
A,B
2 'polypeptide(L)' NMKAGATSEGVLANFFNSLLSKKTGS C
#
# COMPACT_ATOMS: atom_id res chain seq x y z
N PRO A 6 5.44 37.44 6.90
CA PRO A 6 4.34 36.50 7.16
C PRO A 6 4.53 35.18 6.44
N SER A 7 4.37 34.06 7.15
CA SER A 7 4.49 32.76 6.52
C SER A 7 3.39 32.56 5.48
N GLU A 8 3.56 31.54 4.63
CA GLU A 8 2.52 31.24 3.66
C GLU A 8 1.21 30.85 4.33
N GLU A 9 1.30 30.29 5.54
CA GLU A 9 0.11 29.83 6.25
C GLU A 9 -0.72 30.99 6.81
N GLU A 10 -0.07 31.97 7.45
CA GLU A 10 -0.84 33.12 7.89
C GLU A 10 -1.29 33.97 6.70
N GLU A 11 -0.53 33.97 5.61
CA GLU A 11 -1.00 34.74 4.46
C GLU A 11 -2.24 34.09 3.86
N TYR A 12 -2.28 32.76 3.82
CA TYR A 12 -3.47 32.05 3.34
C TYR A 12 -4.65 32.21 4.29
N ALA A 13 -4.41 32.11 5.59
CA ALA A 13 -5.48 32.34 6.56
C ALA A 13 -6.10 33.71 6.35
N ARG A 14 -5.27 34.73 6.13
CA ARG A 14 -5.81 36.06 5.92
C ARG A 14 -6.61 36.12 4.63
N LEU A 15 -6.14 35.44 3.59
CA LEU A 15 -6.87 35.36 2.33
C LEU A 15 -8.29 34.85 2.55
N VAL A 16 -8.41 33.70 3.20
CA VAL A 16 -9.72 33.07 3.36
C VAL A 16 -10.65 33.97 4.16
N GLU A 18 -10.71 37.13 4.53
CA GLU A 18 -10.90 38.48 4.01
C GLU A 18 -11.11 38.61 2.49
N ALA A 19 -10.99 37.52 1.72
CA ALA A 19 -11.21 37.56 0.28
C ALA A 19 -12.71 37.72 -0.03
N GLN A 20 -13.01 38.08 -1.29
CA GLN A 20 -14.39 38.24 -1.74
C GLN A 20 -15.02 36.88 -2.05
N PRO A 21 -16.35 36.82 -2.12
CA PRO A 21 -17.01 35.52 -2.40
C PRO A 21 -16.61 34.86 -3.71
N GLU A 22 -16.31 35.65 -4.75
CA GLU A 22 -15.89 35.08 -6.02
C GLU A 22 -14.60 34.27 -5.85
N TRP A 23 -13.67 34.80 -5.07
CA TRP A 23 -12.45 34.07 -4.74
C TRP A 23 -12.75 32.85 -3.89
N LEU A 24 -13.55 33.00 -2.84
CA LEU A 24 -13.88 31.85 -2.00
C LEU A 24 -14.52 30.72 -2.81
N ARG A 25 -15.32 31.07 -3.83
CA ARG A 25 -16.02 30.08 -4.59
C ARG A 25 -15.05 29.31 -5.48
N ALA A 26 -14.02 30.00 -5.99
CA ALA A 26 -13.02 29.35 -6.81
C ALA A 26 -12.12 28.44 -5.97
N GLU A 27 -11.70 28.88 -4.77
CA GLU A 27 -10.97 27.99 -3.86
C GLU A 27 -11.78 26.74 -3.51
N VAL A 28 -13.06 26.91 -3.19
CA VAL A 28 -13.91 25.74 -2.93
C VAL A 28 -13.84 24.81 -4.12
N LYS A 29 -13.97 25.36 -5.32
CA LYS A 29 -13.93 24.53 -6.53
C LYS A 29 -12.56 23.87 -6.67
N ARG A 30 -11.48 24.63 -6.47
CA ARG A 30 -10.14 24.09 -6.66
C ARG A 30 -9.86 22.96 -5.70
N LEU A 31 -10.18 23.16 -4.42
CA LEU A 31 -9.99 22.09 -3.43
C LEU A 31 -10.88 20.89 -3.73
N SER A 32 -12.05 21.10 -4.34
CA SER A 32 -12.90 19.96 -4.65
C SER A 32 -12.28 19.07 -5.72
N HIS A 33 -11.58 19.68 -6.69
CA HIS A 33 -10.86 18.86 -7.65
C HIS A 33 -9.67 18.18 -6.99
N GLU A 34 -8.93 18.94 -6.17
CA GLU A 34 -7.76 18.36 -5.51
C GLU A 34 -8.16 17.17 -4.66
N LEU A 35 -9.25 17.30 -3.92
CA LEU A 35 -9.66 16.20 -3.05
C LEU A 35 -10.19 15.02 -3.85
N ALA A 36 -10.88 15.29 -4.97
CA ALA A 36 -11.35 14.17 -5.77
C ALA A 36 -10.19 13.39 -6.36
N GLU A 37 -9.15 14.09 -6.82
CA GLU A 37 -8.00 13.41 -7.40
C GLU A 37 -7.23 12.61 -6.35
N THR A 38 -6.95 13.22 -5.19
CA THR A 38 -6.24 12.52 -4.13
C THR A 38 -7.06 11.35 -3.58
N THR A 39 -8.38 11.48 -3.54
CA THR A 39 -9.19 10.33 -3.14
C THR A 39 -9.04 9.20 -4.15
N ARG A 40 -8.90 9.54 -5.43
CA ARG A 40 -8.67 8.52 -6.45
C ARG A 40 -7.31 7.86 -6.26
N GLU A 41 -6.27 8.67 -5.99
CA GLU A 41 -4.94 8.11 -5.78
C GLU A 41 -4.90 7.29 -4.49
N LYS A 42 -5.58 7.74 -3.44
CA LYS A 42 -5.62 6.96 -2.22
C LYS A 42 -6.23 5.58 -2.47
N ILE A 43 -7.29 5.52 -3.27
CA ILE A 43 -7.99 4.26 -3.47
C ILE A 43 -7.11 3.31 -4.27
N GLN A 44 -6.45 3.82 -5.30
CA GLN A 44 -5.54 2.99 -6.08
C GLN A 44 -4.35 2.49 -5.26
N ALA A 45 -3.85 3.29 -4.32
CA ALA A 45 -2.79 2.83 -3.45
C ALA A 45 -3.25 1.67 -2.57
N ALA A 46 -4.48 1.76 -2.07
CA ALA A 46 -4.99 0.70 -1.19
C ALA A 46 -5.28 -0.58 -1.98
N GLU A 47 -5.73 -0.45 -3.24
CA GLU A 47 -5.87 -1.62 -4.10
C GLU A 47 -4.50 -2.23 -4.39
N TYR A 48 -3.52 -1.40 -4.78
CA TYR A 48 -2.16 -1.91 -5.00
C TYR A 48 -1.69 -2.73 -3.80
N GLY A 49 -1.92 -2.19 -2.59
CA GLY A 49 -1.47 -2.88 -1.39
C GLY A 49 -2.12 -4.24 -1.21
N LEU A 50 -3.43 -4.32 -1.45
CA LEU A 50 -4.10 -5.61 -1.35
C LEU A 50 -3.58 -6.58 -2.41
N ALA A 51 -3.27 -6.08 -3.61
CA ALA A 51 -2.76 -6.96 -4.65
C ALA A 51 -1.40 -7.54 -4.28
N VAL A 52 -0.47 -6.68 -3.86
CA VAL A 52 0.87 -7.15 -3.53
C VAL A 52 0.84 -7.96 -2.24
N LEU A 53 -0.06 -7.63 -1.31
CA LEU A 53 -0.23 -8.47 -0.14
C LEU A 53 -0.65 -9.87 -0.55
N GLU A 54 -1.53 -9.98 -1.54
CA GLU A 54 -1.98 -11.29 -1.97
C GLU A 54 -0.87 -12.03 -2.71
N GLU A 55 -0.19 -11.35 -3.64
CA GLU A 55 0.93 -11.99 -4.32
C GLU A 55 1.92 -12.52 -3.30
N LYS A 56 2.21 -11.72 -2.27
CA LYS A 56 3.11 -12.19 -1.22
C LYS A 56 2.54 -13.43 -0.54
N HIS A 57 1.23 -13.45 -0.28
CA HIS A 57 0.63 -14.61 0.37
C HIS A 57 0.79 -15.87 -0.48
N GLN A 58 0.50 -15.76 -1.78
CA GLN A 58 0.65 -16.90 -2.66
C GLN A 58 2.10 -17.39 -2.66
N LEU A 59 3.05 -16.45 -2.76
CA LEU A 59 4.46 -16.81 -2.78
C LEU A 59 4.85 -17.53 -1.50
N LYS A 60 4.31 -17.10 -0.36
CA LYS A 60 4.60 -17.78 0.90
C LYS A 60 4.10 -19.23 0.88
N LEU A 61 2.89 -19.46 0.38
CA LEU A 61 2.39 -20.83 0.27
C LEU A 61 3.24 -21.66 -0.68
N GLN A 62 3.48 -21.13 -1.87
CA GLN A 62 4.36 -21.80 -2.83
C GLN A 62 5.71 -22.16 -2.20
N PHE A 63 6.25 -21.25 -1.38
CA PHE A 63 7.49 -21.51 -0.66
C PHE A 63 7.34 -22.69 0.29
N GLU A 64 6.40 -22.59 1.24
CA GLU A 64 6.24 -23.63 2.25
C GLU A 64 5.97 -25.00 1.62
N GLU A 65 5.27 -25.01 0.48
CA GLU A 65 5.08 -26.22 -0.29
C GLU A 65 6.42 -26.79 -0.73
N LEU A 66 7.32 -25.94 -1.24
CA LEU A 66 8.63 -26.42 -1.69
C LEU A 66 9.45 -26.94 -0.51
N GLU A 67 9.32 -26.29 0.64
CA GLU A 67 9.96 -26.77 1.87
C GLU A 67 9.58 -28.21 2.19
N VAL A 68 8.29 -28.55 2.06
CA VAL A 68 7.84 -29.91 2.35
C VAL A 68 8.43 -30.91 1.37
N ASP A 69 8.44 -30.56 0.08
CA ASP A 69 8.99 -31.45 -0.94
C ASP A 69 10.47 -31.65 -0.73
N TYR A 70 11.17 -30.60 -0.31
CA TYR A 70 12.59 -30.73 -0.01
C TYR A 70 12.81 -31.70 1.14
N GLU A 71 12.11 -31.50 2.24
CA GLU A 71 12.27 -32.37 3.40
C GLU A 71 12.04 -33.84 3.05
N ALA A 72 10.99 -34.12 2.28
CA ALA A 72 10.72 -35.51 1.90
C ALA A 72 11.93 -36.15 1.22
N ILE A 73 12.49 -35.49 0.20
CA ILE A 73 13.68 -36.00 -0.48
C ILE A 73 14.84 -36.14 0.50
N ARG A 74 15.12 -35.07 1.25
CA ARG A 74 16.25 -35.09 2.17
C ARG A 74 16.10 -36.19 3.22
N SER A 75 14.89 -36.34 3.75
CA SER A 75 14.61 -37.45 4.66
C SER A 75 14.99 -38.79 4.06
N GLU A 76 14.65 -39.01 2.78
CA GLU A 76 14.92 -40.29 2.15
C GLU A 76 16.41 -40.51 1.98
N GLU A 78 19.09 -39.20 3.68
CA GLU A 78 19.64 -39.56 4.99
C GLU A 78 19.43 -41.05 5.29
N GLN A 79 18.21 -41.54 5.09
CA GLN A 79 17.96 -42.96 5.32
C GLN A 79 18.86 -43.82 4.45
N LEU A 80 19.17 -43.37 3.23
CA LEU A 80 19.91 -44.16 2.27
C LEU A 80 21.39 -44.30 2.60
N LYS A 81 21.95 -43.32 3.33
CA LYS A 81 23.36 -43.34 3.68
C LYS A 81 23.67 -44.34 4.79
N GLU A 82 22.87 -45.39 4.85
CA GLU A 82 23.08 -46.53 5.72
C GLU A 82 23.31 -47.72 4.79
N ALA A 83 23.73 -47.43 3.56
CA ALA A 83 23.96 -48.43 2.54
C ALA A 83 25.13 -47.92 1.71
N LEU B 15 -34.17 36.93 2.79
CA LEU B 15 -33.95 38.37 2.56
C LEU B 15 -32.54 38.61 1.99
N VAL B 16 -31.60 38.96 2.85
CA VAL B 16 -30.20 38.91 2.44
C VAL B 16 -29.50 37.93 3.37
N GLU B 18 -27.87 36.34 1.68
CA GLU B 18 -26.75 36.54 0.76
C GLU B 18 -25.47 37.00 1.48
N ALA B 19 -25.58 37.38 2.74
CA ALA B 19 -24.37 37.73 3.45
C ALA B 19 -23.93 36.35 3.92
N GLN B 20 -23.45 35.55 2.96
CA GLN B 20 -23.03 34.16 3.17
C GLN B 20 -21.60 33.72 2.79
N PRO B 21 -20.62 34.60 2.88
CA PRO B 21 -19.25 34.13 2.57
C PRO B 21 -18.83 33.34 3.78
N GLU B 22 -19.61 33.37 4.87
CA GLU B 22 -19.23 32.55 5.99
C GLU B 22 -19.44 31.07 5.68
N TRP B 23 -20.35 30.74 4.77
CA TRP B 23 -20.52 29.33 4.43
C TRP B 23 -19.39 28.86 3.52
N LEU B 24 -19.12 29.62 2.45
CA LEU B 24 -17.95 29.38 1.62
C LEU B 24 -16.70 29.18 2.46
N ARG B 25 -16.43 30.11 3.39
CA ARG B 25 -15.25 30.01 4.24
C ARG B 25 -15.28 28.73 5.05
N ALA B 26 -16.47 28.32 5.49
CA ALA B 26 -16.60 27.03 6.17
C ALA B 26 -16.27 25.88 5.22
N GLU B 27 -16.66 26.01 3.95
CA GLU B 27 -16.40 24.95 2.97
C GLU B 27 -14.92 24.84 2.64
N VAL B 28 -14.24 25.99 2.45
CA VAL B 28 -12.80 26.00 2.22
C VAL B 28 -12.08 25.27 3.35
N LYS B 29 -12.46 25.55 4.60
CA LYS B 29 -11.73 24.91 5.69
C LYS B 29 -12.09 23.43 5.80
N ARG B 30 -13.33 23.07 5.52
CA ARG B 30 -13.69 21.66 5.55
C ARG B 30 -12.88 20.88 4.53
N LEU B 31 -12.90 21.33 3.28
CA LEU B 31 -12.20 20.62 2.21
C LEU B 31 -10.69 20.58 2.48
N SER B 32 -10.12 21.68 2.96
CA SER B 32 -8.69 21.73 3.28
C SER B 32 -8.30 20.62 4.25
N HIS B 33 -9.12 20.43 5.29
CA HIS B 33 -8.84 19.38 6.25
C HIS B 33 -9.04 18.00 5.64
N GLU B 34 -10.14 17.79 4.92
CA GLU B 34 -10.35 16.48 4.27
C GLU B 34 -9.21 16.16 3.31
N LEU B 35 -8.77 17.17 2.57
CA LEU B 35 -7.67 16.95 1.63
C LEU B 35 -6.39 16.58 2.37
N ALA B 36 -6.16 17.15 3.55
CA ALA B 36 -4.93 16.84 4.27
C ALA B 36 -4.96 15.41 4.80
N GLU B 37 -6.11 14.96 5.31
CA GLU B 37 -6.17 13.60 5.85
C GLU B 37 -6.15 12.58 4.73
N THR B 38 -6.82 12.88 3.61
CA THR B 38 -6.77 12.00 2.46
C THR B 38 -5.34 11.88 1.92
N THR B 39 -4.54 12.94 2.05
CA THR B 39 -3.16 12.87 1.59
C THR B 39 -2.32 12.04 2.54
N ARG B 40 -2.57 12.15 3.85
CA ARG B 40 -1.89 11.29 4.81
C ARG B 40 -2.22 9.82 4.55
N GLU B 41 -3.52 9.52 4.43
CA GLU B 41 -3.94 8.15 4.14
C GLU B 41 -3.29 7.63 2.84
N LYS B 42 -3.21 8.49 1.82
CA LYS B 42 -2.64 8.05 0.55
C LYS B 42 -1.15 7.73 0.71
N ILE B 43 -0.42 8.65 1.33
CA ILE B 43 1.00 8.46 1.56
C ILE B 43 1.24 7.23 2.43
N GLN B 44 0.51 7.14 3.55
CA GLN B 44 0.59 5.96 4.40
C GLN B 44 0.34 4.68 3.62
N ALA B 45 -0.72 4.66 2.82
CA ALA B 45 -0.96 3.51 1.96
C ALA B 45 0.24 3.21 1.07
N ALA B 46 0.79 4.23 0.41
CA ALA B 46 1.90 4.00 -0.51
C ALA B 46 3.13 3.45 0.20
N GLU B 47 3.45 4.01 1.37
CA GLU B 47 4.61 3.51 2.11
C GLU B 47 4.41 2.07 2.56
N TYR B 48 3.18 1.67 2.91
CA TYR B 48 2.93 0.26 3.19
C TYR B 48 3.07 -0.61 1.95
N GLY B 49 2.60 -0.14 0.80
CA GLY B 49 2.78 -0.90 -0.43
C GLY B 49 4.24 -1.19 -0.71
N LEU B 50 5.10 -0.17 -0.54
CA LEU B 50 6.53 -0.34 -0.74
C LEU B 50 7.12 -1.37 0.22
N ALA B 51 6.67 -1.37 1.48
CA ALA B 51 7.19 -2.34 2.44
C ALA B 51 6.83 -3.77 2.05
N VAL B 52 5.62 -3.99 1.54
CA VAL B 52 5.28 -5.34 1.10
C VAL B 52 6.15 -5.74 -0.08
N LEU B 53 6.37 -4.82 -1.03
CA LEU B 53 7.26 -5.13 -2.14
C LEU B 53 8.64 -5.52 -1.65
N GLU B 54 9.19 -4.79 -0.68
CA GLU B 54 10.47 -5.15 -0.09
C GLU B 54 10.41 -6.55 0.51
N GLU B 55 9.35 -6.81 1.29
CA GLU B 55 9.18 -8.13 1.90
C GLU B 55 9.08 -9.22 0.84
N LYS B 56 8.24 -9.00 -0.18
CA LYS B 56 8.12 -9.99 -1.24
C LYS B 56 9.43 -10.21 -1.98
N HIS B 57 10.26 -9.17 -2.09
CA HIS B 57 11.56 -9.34 -2.73
C HIS B 57 12.47 -10.26 -1.93
N GLN B 58 12.53 -10.04 -0.61
CA GLN B 58 13.34 -10.92 0.23
C GLN B 58 12.86 -12.36 0.09
N LEU B 59 11.55 -12.55 0.13
CA LEU B 59 10.98 -13.89 0.06
C LEU B 59 11.17 -14.52 -1.33
N LYS B 60 11.06 -13.74 -2.41
CA LYS B 60 11.36 -14.32 -3.71
C LYS B 60 12.80 -14.79 -3.76
N LEU B 61 13.74 -13.98 -3.24
CA LEU B 61 15.14 -14.42 -3.20
C LEU B 61 15.30 -15.71 -2.43
N GLN B 62 14.59 -15.85 -1.31
CA GLN B 62 14.74 -17.06 -0.53
C GLN B 62 14.12 -18.26 -1.23
N PHE B 63 13.00 -18.04 -1.91
CA PHE B 63 12.35 -19.10 -2.67
C PHE B 63 13.28 -19.66 -3.75
N GLU B 64 13.91 -18.76 -4.52
CA GLU B 64 14.79 -19.22 -5.61
C GLU B 64 16.04 -19.91 -5.06
N GLU B 65 16.48 -19.53 -3.86
CA GLU B 65 17.53 -20.27 -3.18
C GLU B 65 17.11 -21.70 -2.88
N LEU B 66 15.90 -21.87 -2.32
CA LEU B 66 15.41 -23.21 -2.00
C LEU B 66 15.21 -24.05 -3.26
N GLU B 67 14.74 -23.42 -4.34
CA GLU B 67 14.59 -24.16 -5.59
C GLU B 67 15.92 -24.78 -6.02
N VAL B 68 16.97 -23.95 -6.05
CA VAL B 68 18.31 -24.42 -6.40
C VAL B 68 18.74 -25.57 -5.51
N ASP B 69 18.67 -25.38 -4.19
CA ASP B 69 19.05 -26.43 -3.25
C ASP B 69 18.18 -27.67 -3.45
N TYR B 70 16.89 -27.47 -3.77
CA TYR B 70 16.00 -28.59 -4.08
C TYR B 70 16.51 -29.37 -5.28
N GLU B 71 16.87 -28.67 -6.35
CA GLU B 71 17.42 -29.34 -7.53
C GLU B 71 18.74 -30.01 -7.20
N ALA B 72 19.56 -29.35 -6.37
CA ALA B 72 20.84 -29.91 -5.97
C ALA B 72 20.68 -31.32 -5.41
N ILE B 73 19.71 -31.53 -4.52
CA ILE B 73 19.56 -32.84 -3.88
C ILE B 73 18.52 -33.70 -4.56
N ARG B 74 17.80 -33.19 -5.56
CA ARG B 74 17.07 -34.10 -6.42
C ARG B 74 18.03 -34.77 -7.40
N SER B 75 19.02 -34.02 -7.90
CA SER B 75 20.04 -34.56 -8.79
C SER B 75 21.11 -35.35 -8.04
N GLU B 76 21.35 -35.02 -6.77
CA GLU B 76 22.34 -35.77 -5.99
C GLU B 76 21.79 -37.11 -5.58
N GLU B 78 18.87 -39.74 -7.19
CA GLU B 78 18.76 -40.08 -8.60
C GLU B 78 20.16 -40.48 -9.09
N GLN B 79 21.16 -39.62 -8.84
CA GLN B 79 22.58 -40.01 -8.89
C GLN B 79 22.82 -41.28 -8.08
N LEU B 80 22.09 -41.45 -6.99
CA LEU B 80 22.06 -42.73 -6.29
C LEU B 80 21.39 -43.74 -7.23
N LYS B 81 22.23 -44.46 -7.99
CA LYS B 81 21.83 -45.18 -9.19
C LYS B 81 22.46 -46.56 -9.19
N GLU B 82 21.70 -47.58 -8.83
CA GLU B 82 22.15 -48.96 -8.94
C GLU B 82 21.00 -49.90 -9.29
N GLU C 9 -0.62 -10.79 6.77
CA GLU C 9 -0.49 -9.70 7.71
C GLU C 9 -1.80 -8.93 7.79
N GLY C 10 -2.60 -9.26 8.80
CA GLY C 10 -3.99 -8.82 8.81
C GLY C 10 -4.15 -7.34 9.13
N VAL C 11 -3.13 -6.73 9.76
CA VAL C 11 -3.21 -5.30 10.06
C VAL C 11 -3.19 -4.50 8.76
N LEU C 12 -2.28 -4.87 7.84
CA LEU C 12 -2.17 -4.17 6.56
C LEU C 12 -3.44 -4.29 5.74
N ALA C 13 -4.00 -5.50 5.62
CA ALA C 13 -5.24 -5.65 4.85
C ALA C 13 -6.39 -4.89 5.48
N ASN C 14 -6.44 -4.83 6.81
CA ASN C 14 -7.49 -4.08 7.48
C ASN C 14 -7.36 -2.60 7.19
N PHE C 15 -6.15 -2.06 7.34
CA PHE C 15 -5.92 -0.67 6.98
C PHE C 15 -6.26 -0.42 5.51
N PHE C 16 -5.87 -1.33 4.62
CA PHE C 16 -6.12 -1.12 3.19
C PHE C 16 -7.62 -1.11 2.89
N ASN C 17 -8.37 -2.03 3.49
CA ASN C 17 -9.81 -2.08 3.24
C ASN C 17 -10.51 -0.85 3.83
N SER C 18 -10.07 -0.39 5.01
CA SER C 18 -10.62 0.80 5.64
C SER C 18 -10.49 2.05 4.77
N LEU C 19 -9.61 2.04 3.77
CA LEU C 19 -9.47 3.15 2.84
C LEU C 19 -10.31 2.98 1.58
N LEU C 20 -11.11 1.93 1.48
CA LEU C 20 -11.84 1.66 0.24
C LEU C 20 -13.36 1.83 0.38
#